data_7RSJ
#
_entry.id   7RSJ
#
_cell.length_a   61.302
_cell.length_b   107.386
_cell.length_c   110.502
_cell.angle_alpha   90.000
_cell.angle_beta   90.000
_cell.angle_gamma   90.000
#
_symmetry.space_group_name_H-M   'P 2 21 21'
#
loop_
_entity.id
_entity.type
_entity.pdbx_description
1 polymer 'Phosphatidylinositol 3-kinase catalytic subunit type 3'
2 non-polymer 'SODIUM ION'
3 non-polymer N-{4-[(7R,8R)-4-oxo-7-(propan-2-yl)-4,5,6,7-tetrahydropyrazolo[1,5-a]pyrazin-2-yl]pyridin-2-yl}cyclopropanecarboxamide
4 non-polymer 1,2-ETHANEDIOL
5 non-polymer GLYCEROL
6 water water
#
_entity_poly.entity_id   1
_entity_poly.type   'polypeptide(L)'
_entity_poly.pdbx_seq_one_letter_code
;HHHHHHGENLYFQGSDHDLKPNAATRDQLNIIVSYPPTKQLTYEEQDLVWKFRYYLTNQEKALTKFLKCVNWDLPQEAKQ
ALELLGKWKPMDVEDSLELLSSHYTNPTVRRYAVARLRQADDEDLLMYLLQLVQALKYENFDDIKNGLEPTKKDSQSSVS
ENVSNSGINSAEIDSSQIITSPLPSVSSPPPASKTKEVPDGENLEQDLCTFLISRACKNSTLANYLYWYVIVECEDQDTQ
QRDPKTHEMYLNVMRRFSQALLKGDKSVRVMRSLLAAQQTFVDRLVHLMKAVQRESGNRKKKNERLQALLGDNEKMNLSD
VELIPLPLEPQVKIRGIIPETATLFKSALMPAQLFFKTEDGGKYPVIFKHGDDLRQDQLILQIISLMDKLLRKENLDLKL
TPYKVLATSTKHGFMQFIQSVPVAEVLDTEGSIQNFFRKYAPSENGPNGISAEVMDTYVKSCAGYCVITYILGVGDRHLD
NLLLTKTGKLFHIDFGYILGRDPKPLPPPMKLNKEMVEGMGGTQSEQYQEFRKQCYTAFLHLRRYSNLILNLFSLMVDAN
IPDIALEPDKTVKKVQDKFRLDLSDEEAVHYMQSLIDESVHALFAAVVEQIH
;
_entity_poly.pdbx_strand_id   A
#
# COMPACT_ATOMS: atom_id res chain seq x y z
N LYS A 20 31.32 27.15 -8.43
CA LYS A 20 31.05 28.57 -8.35
C LYS A 20 30.63 29.01 -6.94
N PRO A 21 29.87 28.15 -6.24
CA PRO A 21 29.51 28.47 -4.85
C PRO A 21 30.62 28.16 -3.86
N ASN A 22 30.68 28.99 -2.82
CA ASN A 22 31.63 28.82 -1.72
C ASN A 22 31.11 27.77 -0.74
N ALA A 23 31.93 27.45 0.27
CA ALA A 23 31.57 26.38 1.20
C ALA A 23 30.32 26.71 1.99
N ALA A 24 30.04 28.00 2.21
CA ALA A 24 28.85 28.38 2.98
C ALA A 24 27.57 28.20 2.16
N THR A 25 27.57 28.66 0.90
CA THR A 25 26.39 28.44 0.08
C THR A 25 26.25 26.96 -0.27
N ARG A 26 27.36 26.29 -0.58
CA ARG A 26 27.31 24.86 -0.82
C ARG A 26 26.68 24.13 0.37
N ASP A 27 27.00 24.58 1.59
CA ASP A 27 26.34 24.02 2.76
C ASP A 27 24.84 24.29 2.73
N GLN A 28 24.46 25.51 2.35
CA GLN A 28 23.03 25.85 2.32
C GLN A 28 22.33 25.14 1.16
N LEU A 29 22.97 25.07 -0.01
CA LEU A 29 22.40 24.30 -1.11
C LEU A 29 22.18 22.85 -0.71
N ASN A 30 23.13 22.27 0.03
CA ASN A 30 22.97 20.88 0.46
C ASN A 30 21.75 20.72 1.36
N ILE A 31 21.47 21.71 2.21
CA ILE A 31 20.28 21.66 3.05
C ILE A 31 19.02 21.70 2.17
N ILE A 32 19.02 22.58 1.17
CA ILE A 32 17.84 22.67 0.31
C ILE A 32 17.61 21.36 -0.43
N VAL A 33 18.65 20.83 -1.08
CA VAL A 33 18.49 19.60 -1.83
C VAL A 33 18.02 18.47 -0.91
N SER A 34 18.37 18.55 0.38
CA SER A 34 17.98 17.53 1.35
C SER A 34 16.50 17.57 1.73
N TYR A 35 15.80 18.66 1.46
CA TYR A 35 14.44 18.80 1.94
C TYR A 35 13.54 17.65 1.46
N PRO A 36 12.51 17.32 2.23
CA PRO A 36 11.48 16.41 1.74
C PRO A 36 10.83 16.99 0.50
N PRO A 37 10.25 16.14 -0.36
CA PRO A 37 9.61 16.66 -1.59
C PRO A 37 8.40 17.52 -1.34
N THR A 38 7.89 17.52 -0.12
CA THR A 38 6.73 18.30 0.31
C THR A 38 7.07 19.72 0.73
N LYS A 39 8.34 20.03 0.97
CA LYS A 39 8.69 21.30 1.59
C LYS A 39 8.65 22.42 0.56
N GLN A 40 7.93 23.49 0.88
CA GLN A 40 7.89 24.67 0.03
C GLN A 40 9.16 25.50 0.24
N LEU A 41 9.86 25.77 -0.87
CA LEU A 41 11.06 26.59 -0.79
C LEU A 41 10.69 28.06 -0.57
N THR A 42 11.43 28.72 0.31
CA THR A 42 11.25 30.15 0.49
C THR A 42 11.72 30.89 -0.76
N TYR A 43 11.33 32.16 -0.86
CA TYR A 43 11.79 32.98 -1.98
C TYR A 43 13.32 33.01 -2.01
N GLU A 44 13.96 33.14 -0.85
CA GLU A 44 15.41 33.18 -0.80
C GLU A 44 16.02 31.87 -1.31
N GLU A 45 15.44 30.74 -0.93
CA GLU A 45 15.97 29.46 -1.36
C GLU A 45 15.77 29.25 -2.84
N GLN A 46 14.62 29.62 -3.37
CA GLN A 46 14.41 29.56 -4.81
C GLN A 46 15.47 30.37 -5.55
N ASP A 47 15.72 31.60 -5.09
CA ASP A 47 16.71 32.43 -5.77
C ASP A 47 18.09 31.78 -5.72
N LEU A 48 18.44 31.19 -4.58
CA LEU A 48 19.74 30.53 -4.46
C LEU A 48 19.85 29.33 -5.40
N VAL A 49 18.79 28.51 -5.44
CA VAL A 49 18.81 27.34 -6.32
C VAL A 49 18.93 27.77 -7.77
N TRP A 50 18.13 28.77 -8.17
CA TRP A 50 18.15 29.21 -9.55
C TRP A 50 19.51 29.79 -9.93
N LYS A 51 20.19 30.46 -9.00
CA LYS A 51 21.45 31.11 -9.33
C LYS A 51 22.52 30.09 -9.67
N PHE A 52 22.63 29.03 -8.87
CA PHE A 52 23.61 27.97 -9.06
C PHE A 52 23.02 26.76 -9.77
N ARG A 53 22.03 26.99 -10.62
CA ARG A 53 21.40 25.88 -11.33
C ARG A 53 22.42 25.08 -12.13
N TYR A 54 23.34 25.76 -12.82
CA TYR A 54 24.35 25.05 -13.59
C TYR A 54 25.26 24.24 -12.68
N TYR A 55 25.64 24.79 -11.52
CA TYR A 55 26.40 24.00 -10.58
C TYR A 55 25.63 22.77 -10.14
N LEU A 56 24.31 22.86 -10.04
CA LEU A 56 23.54 21.76 -9.49
C LEU A 56 23.24 20.66 -10.51
N THR A 57 23.50 20.88 -11.80
CA THR A 57 23.22 19.86 -12.80
C THR A 57 23.94 18.55 -12.49
N ASN A 58 25.02 18.61 -11.69
CA ASN A 58 25.77 17.41 -11.31
C ASN A 58 25.04 16.55 -10.31
N GLN A 59 24.07 17.09 -9.59
CA GLN A 59 23.40 16.40 -8.51
C GLN A 59 22.00 15.99 -8.96
N GLU A 60 21.81 14.71 -9.23
CA GLU A 60 20.51 14.25 -9.69
C GLU A 60 19.42 14.59 -8.68
N LYS A 61 19.74 14.60 -7.38
CA LYS A 61 18.71 14.89 -6.39
C LYS A 61 18.30 16.35 -6.36
N ALA A 62 19.05 17.24 -7.01
CA ALA A 62 18.72 18.65 -7.00
C ALA A 62 17.70 19.03 -8.07
N LEU A 63 17.40 18.12 -9.01
CA LEU A 63 16.53 18.48 -10.13
C LEU A 63 15.11 18.80 -9.68
N THR A 64 14.55 18.02 -8.76
CA THR A 64 13.18 18.35 -8.32
C THR A 64 13.14 19.71 -7.63
N LYS A 65 14.19 20.05 -6.90
CA LYS A 65 14.23 21.37 -6.27
C LYS A 65 14.31 22.47 -7.32
N PHE A 66 15.09 22.25 -8.37
CA PHE A 66 15.18 23.27 -9.40
C PHE A 66 13.84 23.45 -10.11
N LEU A 67 13.20 22.33 -10.49
CA LEU A 67 11.93 22.46 -11.21
C LEU A 67 10.87 23.17 -10.36
N LYS A 68 10.96 23.02 -9.04
CA LYS A 68 10.12 23.69 -8.06
C LYS A 68 10.33 25.19 -8.01
N CYS A 69 11.43 25.71 -8.55
CA CYS A 69 11.73 27.14 -8.58
C CYS A 69 11.26 27.83 -9.85
N VAL A 70 10.71 27.09 -10.80
CA VAL A 70 10.37 27.63 -12.10
C VAL A 70 8.94 28.15 -12.07
N ASN A 71 8.75 29.39 -12.53
CA ASN A 71 7.43 29.94 -12.81
C ASN A 71 7.06 29.51 -14.22
N TRP A 72 6.32 28.41 -14.33
CA TRP A 72 6.01 27.81 -15.63
C TRP A 72 5.08 28.68 -16.46
N ASP A 73 4.47 29.68 -15.85
CA ASP A 73 3.58 30.57 -16.56
C ASP A 73 4.31 31.77 -17.14
N LEU A 74 5.64 31.80 -17.04
CA LEU A 74 6.47 32.80 -17.71
C LEU A 74 7.28 32.13 -18.81
N PRO A 75 6.99 32.41 -20.09
CA PRO A 75 7.60 31.62 -21.17
C PRO A 75 9.13 31.63 -21.17
N GLN A 76 9.76 32.80 -20.97
CA GLN A 76 11.21 32.84 -20.98
C GLN A 76 11.79 31.92 -19.91
N GLU A 77 11.12 31.85 -18.76
CA GLU A 77 11.62 31.02 -17.66
C GLU A 77 11.42 29.55 -17.94
N ALA A 78 10.27 29.17 -18.50
CA ALA A 78 10.05 27.78 -18.85
C ALA A 78 11.06 27.31 -19.87
N LYS A 79 11.36 28.13 -20.88
CA LYS A 79 12.29 27.74 -21.93
C LYS A 79 13.67 27.41 -21.34
N GLN A 80 14.19 28.29 -20.49
CA GLN A 80 15.49 28.03 -19.88
C GLN A 80 15.44 26.82 -18.94
N ALA A 81 14.34 26.66 -18.22
CA ALA A 81 14.23 25.50 -17.34
C ALA A 81 14.25 24.20 -18.15
N LEU A 82 13.66 24.21 -19.34
CA LEU A 82 13.66 22.99 -20.16
C LEU A 82 15.04 22.70 -20.74
N GLU A 83 15.82 23.75 -21.07
CA GLU A 83 17.19 23.51 -21.50
C GLU A 83 18.00 22.88 -20.38
N LEU A 84 17.91 23.45 -19.18
CA LEU A 84 18.58 22.85 -18.04
C LEU A 84 18.08 21.42 -17.81
N LEU A 85 16.78 21.18 -17.99
CA LEU A 85 16.26 19.83 -17.79
C LEU A 85 16.99 18.83 -18.68
N GLY A 86 17.20 19.17 -19.94
CA GLY A 86 17.89 18.27 -20.85
C GLY A 86 19.34 18.03 -20.50
N LYS A 87 19.94 18.92 -19.71
CA LYS A 87 21.35 18.83 -19.37
C LYS A 87 21.61 18.30 -17.97
N TRP A 88 20.56 18.07 -17.18
CA TRP A 88 20.73 17.63 -15.80
C TRP A 88 21.15 16.15 -15.76
N LYS A 89 21.96 15.82 -14.77
CA LYS A 89 22.18 14.42 -14.45
C LYS A 89 20.82 13.78 -14.20
N PRO A 90 20.48 12.69 -14.92
CA PRO A 90 19.10 12.20 -14.90
C PRO A 90 18.63 11.82 -13.50
N MET A 91 17.36 12.11 -13.21
CA MET A 91 16.88 11.89 -11.85
C MET A 91 16.44 10.43 -11.65
N ASP A 92 16.41 10.02 -10.38
CA ASP A 92 16.04 8.66 -10.00
C ASP A 92 14.55 8.42 -10.21
N VAL A 93 14.20 7.14 -10.32
CA VAL A 93 12.80 6.76 -10.52
C VAL A 93 11.92 7.41 -9.46
N GLU A 94 12.32 7.29 -8.20
CA GLU A 94 11.46 7.72 -7.12
C GLU A 94 11.17 9.21 -7.17
N ASP A 95 12.13 10.02 -7.63
CA ASP A 95 11.86 11.45 -7.78
C ASP A 95 10.88 11.71 -8.91
N SER A 96 10.85 10.85 -9.93
CA SER A 96 9.98 11.09 -11.06
C SER A 96 8.52 11.05 -10.65
N LEU A 97 8.19 10.34 -9.56
CA LEU A 97 6.81 10.35 -9.07
C LEU A 97 6.37 11.75 -8.67
N GLU A 98 7.29 12.58 -8.20
CA GLU A 98 6.93 13.95 -7.86
C GLU A 98 6.53 14.75 -9.09
N LEU A 99 7.15 14.48 -10.24
CA LEU A 99 6.79 15.24 -11.43
C LEU A 99 5.47 14.82 -12.04
N LEU A 100 4.82 13.78 -11.53
CA LEU A 100 3.55 13.33 -12.08
C LEU A 100 2.36 13.84 -11.29
N SER A 101 2.59 14.58 -10.21
CA SER A 101 1.52 15.10 -9.38
C SER A 101 0.77 16.22 -10.09
N SER A 102 -0.28 16.70 -9.43
CA SER A 102 -1.08 17.82 -9.93
C SER A 102 -0.31 19.12 -10.00
N HIS A 103 0.90 19.17 -9.44
CA HIS A 103 1.67 20.41 -9.44
C HIS A 103 2.48 20.58 -10.70
N TYR A 104 2.44 19.61 -11.63
CA TYR A 104 3.16 19.70 -12.88
C TYR A 104 2.19 19.57 -14.05
N THR A 105 2.16 20.60 -14.88
CA THR A 105 1.39 20.60 -16.11
C THR A 105 2.26 20.61 -17.34
N ASN A 106 3.47 21.15 -17.24
CA ASN A 106 4.30 21.33 -18.42
C ASN A 106 4.49 19.99 -19.14
N PRO A 107 4.10 19.87 -20.42
CA PRO A 107 4.16 18.55 -21.06
C PRO A 107 5.57 17.99 -21.15
N THR A 108 6.59 18.84 -21.35
CA THR A 108 7.94 18.31 -21.41
C THR A 108 8.36 17.72 -20.07
N VAL A 109 8.02 18.39 -18.96
CA VAL A 109 8.35 17.86 -17.65
C VAL A 109 7.64 16.53 -17.41
N ARG A 110 6.36 16.45 -17.76
CA ARG A 110 5.64 15.21 -17.52
C ARG A 110 6.17 14.08 -18.40
N ARG A 111 6.58 14.38 -19.62
CA ARG A 111 7.19 13.33 -20.46
C ARG A 111 8.54 12.92 -19.91
N TYR A 112 9.31 13.88 -19.39
CA TYR A 112 10.56 13.52 -18.74
C TYR A 112 10.32 12.58 -17.58
N ALA A 113 9.28 12.83 -16.79
CA ALA A 113 8.96 11.95 -15.67
C ALA A 113 8.76 10.52 -16.14
N VAL A 114 8.00 10.35 -17.23
CA VAL A 114 7.73 9.01 -17.76
C VAL A 114 9.01 8.38 -18.28
N ALA A 115 9.86 9.18 -18.94
CA ALA A 115 11.12 8.67 -19.42
C ALA A 115 12.00 8.17 -18.28
N ARG A 116 11.93 8.81 -17.11
CA ARG A 116 12.73 8.35 -15.97
C ARG A 116 12.02 7.23 -15.23
N LEU A 117 10.69 7.30 -15.15
CA LEU A 117 9.93 6.22 -14.55
C LEU A 117 10.15 4.93 -15.31
N ARG A 118 10.31 5.01 -16.63
CA ARG A 118 10.50 3.86 -17.50
C ARG A 118 11.79 3.09 -17.19
N GLN A 119 12.73 3.67 -16.46
CA GLN A 119 13.91 2.90 -16.08
C GLN A 119 13.61 1.90 -14.98
N ALA A 120 12.46 2.00 -14.33
CA ALA A 120 12.12 1.07 -13.27
C ALA A 120 11.87 -0.30 -13.88
N ASP A 121 12.20 -1.35 -13.13
CA ASP A 121 11.76 -2.65 -13.60
C ASP A 121 10.33 -2.89 -13.15
N ASP A 122 9.71 -3.93 -13.72
CA ASP A 122 8.27 -4.14 -13.52
C ASP A 122 7.95 -4.41 -12.05
N GLU A 123 8.86 -5.05 -11.31
CA GLU A 123 8.62 -5.28 -9.90
C GLU A 123 8.41 -3.96 -9.16
N ASP A 124 9.25 -2.97 -9.43
CA ASP A 124 9.09 -1.67 -8.79
C ASP A 124 7.86 -0.94 -9.31
N LEU A 125 7.66 -0.97 -10.64
CA LEU A 125 6.49 -0.34 -11.23
C LEU A 125 5.21 -0.83 -10.57
N LEU A 126 5.11 -2.15 -10.40
CA LEU A 126 3.93 -2.71 -9.74
C LEU A 126 3.75 -2.11 -8.35
N MET A 127 4.83 -1.83 -7.63
CA MET A 127 4.67 -1.27 -6.28
C MET A 127 4.07 0.12 -6.32
N TYR A 128 4.19 0.82 -7.46
CA TYR A 128 3.72 2.20 -7.59
C TYR A 128 2.43 2.32 -8.37
N LEU A 129 1.92 1.22 -8.94
CA LEU A 129 0.92 1.32 -9.99
C LEU A 129 -0.39 1.90 -9.48
N LEU A 130 -0.79 1.56 -8.26
CA LEU A 130 -2.02 2.15 -7.75
C LEU A 130 -1.95 3.66 -7.82
N GLN A 131 -0.81 4.23 -7.43
CA GLN A 131 -0.64 5.69 -7.47
C GLN A 131 -0.49 6.19 -8.89
N LEU A 132 0.17 5.42 -9.78
CA LEU A 132 0.30 5.89 -11.15
C LEU A 132 -1.06 5.94 -11.85
N VAL A 133 -1.98 5.07 -11.45
CA VAL A 133 -3.33 5.12 -12.02
C VAL A 133 -4.05 6.37 -11.53
N GLN A 134 -3.82 6.78 -10.27
CA GLN A 134 -4.35 8.06 -9.83
C GLN A 134 -3.76 9.22 -10.62
N ALA A 135 -2.46 9.13 -10.93
CA ALA A 135 -1.75 10.21 -11.60
C ALA A 135 -2.26 10.47 -13.01
N LEU A 136 -3.01 9.52 -13.59
CA LEU A 136 -3.62 9.78 -14.89
C LEU A 136 -4.57 10.97 -14.83
N LYS A 137 -5.14 11.25 -13.65
CA LYS A 137 -5.99 12.44 -13.45
C LYS A 137 -5.29 13.74 -13.79
N TYR A 138 -3.97 13.74 -13.73
CA TYR A 138 -3.18 14.95 -13.94
C TYR A 138 -2.55 15.02 -15.32
N GLU A 139 -2.84 14.05 -16.18
CA GLU A 139 -2.34 14.04 -17.55
C GLU A 139 -3.25 14.87 -18.45
N ASN A 140 -2.83 15.00 -19.70
CA ASN A 140 -3.59 15.74 -20.72
C ASN A 140 -4.68 14.81 -21.27
N PHE A 141 -5.96 15.15 -21.02
CA PHE A 141 -7.05 14.24 -21.35
C PHE A 141 -7.28 14.16 -22.86
N ASP A 142 -6.96 15.22 -23.58
CA ASP A 142 -7.10 15.20 -25.03
C ASP A 142 -6.12 14.24 -25.67
N ASP A 143 -4.88 14.22 -25.19
CA ASP A 143 -3.89 13.31 -25.73
C ASP A 143 -4.28 11.86 -25.52
N ILE A 144 -4.89 11.57 -24.37
CA ILE A 144 -5.34 10.21 -24.09
C ILE A 144 -6.44 9.82 -25.06
N LYS A 145 -7.40 10.73 -25.29
CA LYS A 145 -8.51 10.45 -26.19
C LYS A 145 -8.04 10.37 -27.63
N ASN A 146 -7.16 11.30 -28.04
CA ASN A 146 -6.69 11.34 -29.41
C ASN A 146 -5.95 10.06 -29.80
N GLY A 147 -5.40 9.34 -28.83
CA GLY A 147 -4.74 8.07 -29.12
C GLY A 147 -5.68 6.91 -29.41
N LEU A 148 -6.99 7.17 -29.41
CA LEU A 148 -8.00 6.13 -29.67
C LEU A 148 -8.24 5.90 -31.15
N GLU A 149 -9.43 5.40 -31.48
CA GLU A 149 -9.93 5.39 -32.85
C GLU A 149 -11.43 5.69 -32.83
N PRO A 150 -11.82 6.84 -32.25
CA PRO A 150 -13.22 7.24 -32.08
C PRO A 150 -13.78 8.05 -33.25
N GLU A 172 14.34 14.24 25.14
CA GLU A 172 14.67 13.75 23.82
C GLU A 172 15.70 12.60 23.91
N ILE A 173 16.96 12.93 24.19
CA ILE A 173 18.02 11.94 24.30
C ILE A 173 18.09 11.42 25.73
N ASP A 174 17.94 10.10 25.89
CA ASP A 174 18.05 9.46 27.20
C ASP A 174 19.49 8.96 27.36
N SER A 175 20.22 9.54 28.32
CA SER A 175 21.64 9.24 28.43
C SER A 175 21.87 7.75 28.64
N SER A 176 20.99 7.10 29.38
CA SER A 176 21.13 5.68 29.73
C SER A 176 20.86 4.75 28.56
N GLN A 177 20.41 5.28 27.42
CA GLN A 177 20.16 4.48 26.24
C GLN A 177 21.11 4.79 25.10
N ILE A 178 22.06 5.71 25.30
CA ILE A 178 23.05 6.00 24.27
C ILE A 178 23.87 4.76 23.96
N ILE A 179 24.45 4.14 24.99
CA ILE A 179 25.35 3.02 24.78
C ILE A 179 24.60 1.77 24.33
N THR A 180 23.30 1.66 24.65
CA THR A 180 22.50 0.49 24.30
C THR A 180 21.82 0.62 22.95
N SER A 181 21.91 1.76 22.28
CA SER A 181 21.18 2.00 21.04
C SER A 181 22.11 2.42 19.93
N PRO A 182 23.06 1.56 19.54
CA PRO A 182 23.96 1.92 18.45
C PRO A 182 23.21 2.01 17.15
N LEU A 183 23.64 2.95 16.29
CA LEU A 183 22.97 3.07 14.99
C LEU A 183 23.42 1.95 14.06
N PRO A 184 22.51 1.44 13.21
CA PRO A 184 22.81 0.36 12.25
C PRO A 184 23.88 0.74 11.21
N GLU A 205 8.77 10.94 -25.51
CA GLU A 205 7.90 10.31 -26.50
C GLU A 205 6.57 9.86 -25.89
N GLN A 206 6.60 8.99 -24.88
CA GLN A 206 5.37 8.47 -24.31
C GLN A 206 4.86 9.35 -23.18
N ASP A 207 3.54 9.52 -23.11
CA ASP A 207 2.90 10.02 -21.91
C ASP A 207 2.56 8.85 -20.98
N LEU A 208 1.96 9.13 -19.82
CA LEU A 208 1.80 8.10 -18.80
C LEU A 208 0.89 6.97 -19.29
N CYS A 209 -0.22 7.33 -19.92
CA CYS A 209 -1.17 6.32 -20.37
C CYS A 209 -0.53 5.37 -21.37
N THR A 210 0.12 5.94 -22.40
CA THR A 210 0.80 5.12 -23.41
C THR A 210 1.85 4.22 -22.76
N PHE A 211 2.58 4.75 -21.79
CA PHE A 211 3.64 4.00 -21.12
C PHE A 211 3.08 2.82 -20.32
N LEU A 212 2.06 3.07 -19.53
CA LEU A 212 1.48 2.00 -18.73
C LEU A 212 0.89 0.90 -19.61
N ILE A 213 0.19 1.27 -20.68
CA ILE A 213 -0.35 0.25 -21.57
C ILE A 213 0.77 -0.54 -22.22
N SER A 214 1.82 0.15 -22.66
CA SER A 214 2.97 -0.51 -23.26
C SER A 214 3.56 -1.57 -22.33
N ARG A 215 3.74 -1.23 -21.06
CA ARG A 215 4.32 -2.18 -20.12
C ARG A 215 3.31 -3.28 -19.79
N ALA A 216 2.02 -2.94 -19.73
CA ALA A 216 1.01 -3.94 -19.43
C ALA A 216 0.91 -4.98 -20.53
N CYS A 217 1.06 -4.56 -21.81
CA CYS A 217 1.00 -5.52 -22.89
C CYS A 217 2.09 -6.57 -22.80
N LYS A 218 3.20 -6.26 -22.13
CA LYS A 218 4.32 -7.19 -22.02
C LYS A 218 4.33 -8.00 -20.73
N ASN A 219 3.45 -7.69 -19.78
CA ASN A 219 3.56 -8.30 -18.45
C ASN A 219 2.15 -8.56 -17.91
N SER A 220 1.73 -9.83 -17.85
CA SER A 220 0.34 -10.15 -17.50
C SER A 220 -0.03 -9.75 -16.08
N THR A 221 0.94 -9.77 -15.16
CA THR A 221 0.65 -9.32 -13.80
C THR A 221 0.35 -7.83 -13.78
N LEU A 222 1.19 -7.02 -14.45
CA LEU A 222 0.92 -5.60 -14.59
C LEU A 222 -0.42 -5.37 -15.29
N ALA A 223 -0.69 -6.12 -16.37
CA ALA A 223 -1.96 -5.98 -17.08
C ALA A 223 -3.15 -6.23 -16.17
N ASN A 224 -3.04 -7.24 -15.30
CA ASN A 224 -4.12 -7.56 -14.37
C ASN A 224 -4.45 -6.37 -13.49
N TYR A 225 -3.44 -5.83 -12.81
CA TYR A 225 -3.69 -4.73 -11.89
C TYR A 225 -4.07 -3.46 -12.64
N LEU A 226 -3.44 -3.20 -13.79
CA LEU A 226 -3.85 -2.02 -14.54
C LEU A 226 -5.33 -2.11 -14.89
N TYR A 227 -5.77 -3.29 -15.33
CA TYR A 227 -7.18 -3.47 -15.67
C TYR A 227 -8.06 -3.16 -14.46
N TRP A 228 -7.82 -3.84 -13.34
CA TRP A 228 -8.75 -3.69 -12.22
C TRP A 228 -8.67 -2.30 -11.60
N TYR A 229 -7.47 -1.73 -11.49
CA TYR A 229 -7.38 -0.36 -10.94
C TYR A 229 -8.17 0.63 -11.79
N VAL A 230 -8.07 0.53 -13.11
CA VAL A 230 -8.80 1.44 -13.99
C VAL A 230 -10.31 1.15 -13.94
N ILE A 231 -10.71 -0.12 -13.94
CA ILE A 231 -12.12 -0.46 -13.79
C ILE A 231 -12.73 0.26 -12.60
N VAL A 232 -12.03 0.24 -11.46
CA VAL A 232 -12.57 0.82 -10.25
C VAL A 232 -12.71 2.33 -10.41
N GLU A 233 -11.73 2.98 -11.02
CA GLU A 233 -11.86 4.41 -11.29
C GLU A 233 -13.05 4.70 -12.19
N CYS A 234 -13.29 3.85 -13.18
CA CYS A 234 -14.43 4.04 -14.09
C CYS A 234 -15.75 3.91 -13.37
N GLU A 235 -15.83 3.05 -12.36
CA GLU A 235 -17.09 2.83 -11.66
C GLU A 235 -17.29 3.78 -10.50
N ASP A 236 -16.30 4.61 -10.17
CA ASP A 236 -16.43 5.62 -9.12
C ASP A 236 -17.55 6.60 -9.49
N GLN A 237 -18.70 6.51 -8.83
CA GLN A 237 -19.81 7.38 -9.21
C GLN A 237 -19.66 8.80 -8.67
N ASP A 238 -18.81 9.00 -7.65
CA ASP A 238 -18.48 10.36 -7.25
C ASP A 238 -17.72 11.07 -8.37
N THR A 239 -16.72 10.40 -8.95
CA THR A 239 -16.03 10.95 -10.10
C THR A 239 -16.97 11.22 -11.27
N GLN A 240 -17.89 10.29 -11.55
CA GLN A 240 -18.85 10.51 -12.63
C GLN A 240 -19.68 11.77 -12.38
N GLN A 241 -20.19 11.93 -11.15
CA GLN A 241 -21.08 13.04 -10.88
C GLN A 241 -20.31 14.36 -10.83
N ARG A 242 -19.17 14.38 -10.15
CA ARG A 242 -18.50 15.64 -9.88
C ARG A 242 -17.42 15.99 -10.88
N ASP A 243 -16.83 15.02 -11.57
CA ASP A 243 -15.76 15.28 -12.54
C ASP A 243 -15.95 14.42 -13.78
N PRO A 244 -16.98 14.72 -14.57
CA PRO A 244 -17.29 13.85 -15.72
C PRO A 244 -16.16 13.72 -16.73
N LYS A 245 -15.32 14.75 -16.92
CA LYS A 245 -14.21 14.60 -17.86
C LYS A 245 -13.17 13.60 -17.36
N THR A 246 -12.99 13.52 -16.04
CA THR A 246 -12.09 12.52 -15.48
C THR A 246 -12.65 11.12 -15.65
N HIS A 247 -13.95 10.95 -15.43
CA HIS A 247 -14.59 9.68 -15.72
C HIS A 247 -14.41 9.31 -17.18
N GLU A 248 -14.60 10.28 -18.08
CA GLU A 248 -14.42 10.00 -19.52
C GLU A 248 -12.99 9.59 -19.80
N MET A 249 -12.02 10.27 -19.17
CA MET A 249 -10.62 9.93 -19.36
C MET A 249 -10.34 8.48 -18.99
N TYR A 250 -10.83 8.04 -17.83
CA TYR A 250 -10.58 6.65 -17.42
C TYR A 250 -11.26 5.67 -18.37
N LEU A 251 -12.46 5.99 -18.87
CA LEU A 251 -13.07 5.16 -19.91
C LEU A 251 -12.14 5.04 -21.11
N ASN A 252 -11.55 6.17 -21.52
CA ASN A 252 -10.68 6.20 -22.68
C ASN A 252 -9.41 5.42 -22.44
N VAL A 253 -8.88 5.47 -21.21
CA VAL A 253 -7.73 4.62 -20.88
C VAL A 253 -8.10 3.16 -21.10
N MET A 254 -9.25 2.73 -20.59
CA MET A 254 -9.64 1.34 -20.77
C MET A 254 -9.83 1.01 -22.24
N ARG A 255 -10.43 1.92 -23.01
CA ARG A 255 -10.59 1.66 -24.44
C ARG A 255 -9.24 1.59 -25.14
N ARG A 256 -8.33 2.51 -24.80
CA ARG A 256 -6.94 2.42 -25.28
C ARG A 256 -6.30 1.09 -24.92
N PHE A 257 -6.52 0.63 -23.69
CA PHE A 257 -5.92 -0.62 -23.22
C PHE A 257 -6.44 -1.79 -24.06
N SER A 258 -7.76 -1.89 -24.19
CA SER A 258 -8.34 -2.98 -24.95
C SER A 258 -7.87 -2.94 -26.40
N GLN A 259 -7.84 -1.74 -26.97
CA GLN A 259 -7.38 -1.57 -28.34
C GLN A 259 -5.94 -2.05 -28.52
N ALA A 260 -5.07 -1.72 -27.56
CA ALA A 260 -3.68 -2.17 -27.66
C ALA A 260 -3.57 -3.69 -27.56
N LEU A 261 -4.31 -4.30 -26.65
CA LEU A 261 -4.24 -5.75 -26.51
C LEU A 261 -4.71 -6.44 -27.78
N LEU A 262 -5.81 -5.94 -28.36
CA LEU A 262 -6.36 -6.53 -29.56
C LEU A 262 -5.41 -6.44 -30.75
N LYS A 263 -4.46 -5.51 -30.72
CA LYS A 263 -3.46 -5.37 -31.77
C LYS A 263 -2.23 -6.24 -31.57
N GLY A 264 -2.11 -6.93 -30.43
CA GLY A 264 -0.88 -7.61 -30.06
C GLY A 264 -0.74 -8.97 -30.71
N ASP A 265 0.30 -9.69 -30.29
CA ASP A 265 0.54 -11.01 -30.84
C ASP A 265 -0.35 -12.02 -30.14
N LYS A 266 -0.11 -13.31 -30.36
CA LYS A 266 -1.05 -14.33 -29.91
C LYS A 266 -1.25 -14.29 -28.41
N SER A 267 -0.18 -14.22 -27.63
CA SER A 267 -0.36 -14.25 -26.19
C SER A 267 -0.94 -12.93 -25.67
N VAL A 268 -0.68 -11.82 -26.37
CA VAL A 268 -1.26 -10.54 -25.92
C VAL A 268 -2.77 -10.54 -26.16
N ARG A 269 -3.22 -11.13 -27.27
CA ARG A 269 -4.66 -11.25 -27.50
C ARG A 269 -5.31 -12.19 -26.50
N VAL A 270 -4.62 -13.28 -26.14
CA VAL A 270 -5.12 -14.14 -25.08
C VAL A 270 -5.21 -13.38 -23.75
N MET A 271 -4.30 -12.45 -23.49
CA MET A 271 -4.41 -11.68 -22.25
C MET A 271 -5.74 -10.95 -22.18
N ARG A 272 -6.16 -10.35 -23.30
CA ARG A 272 -7.45 -9.67 -23.35
C ARG A 272 -8.59 -10.63 -23.00
N SER A 273 -8.58 -11.82 -23.59
CA SER A 273 -9.64 -12.77 -23.29
C SER A 273 -9.58 -13.25 -21.85
N LEU A 274 -8.41 -13.25 -21.22
CA LEU A 274 -8.33 -13.65 -19.81
C LEU A 274 -8.84 -12.55 -18.89
N LEU A 275 -8.59 -11.29 -19.23
CA LEU A 275 -9.22 -10.22 -18.45
C LEU A 275 -10.73 -10.29 -18.58
N ALA A 276 -11.24 -10.58 -19.79
CA ALA A 276 -12.69 -10.75 -19.98
C ALA A 276 -13.23 -11.89 -19.13
N ALA A 277 -12.52 -13.02 -19.12
CA ALA A 277 -12.91 -14.16 -18.27
C ALA A 277 -12.97 -13.77 -16.81
N GLN A 278 -12.01 -12.97 -16.33
CA GLN A 278 -12.03 -12.53 -14.94
C GLN A 278 -13.20 -11.61 -14.66
N GLN A 279 -13.43 -10.66 -15.56
CA GLN A 279 -14.54 -9.73 -15.38
C GLN A 279 -15.86 -10.49 -15.33
N THR A 280 -16.04 -11.43 -16.26
CA THR A 280 -17.25 -12.24 -16.30
C THR A 280 -17.42 -13.06 -15.02
N PHE A 281 -16.34 -13.70 -14.58
CA PHE A 281 -16.35 -14.43 -13.32
C PHE A 281 -16.74 -13.52 -12.16
N VAL A 282 -16.12 -12.34 -12.05
CA VAL A 282 -16.46 -11.43 -10.97
C VAL A 282 -17.91 -10.99 -11.07
N ASP A 283 -18.39 -10.71 -12.29
CA ASP A 283 -19.80 -10.35 -12.46
C ASP A 283 -20.71 -11.45 -11.91
N ARG A 284 -20.35 -12.71 -12.17
CA ARG A 284 -21.16 -13.82 -11.70
C ARG A 284 -21.11 -13.93 -10.19
N LEU A 285 -19.93 -13.69 -9.61
CA LEU A 285 -19.81 -13.75 -8.16
C LEU A 285 -20.63 -12.64 -7.50
N VAL A 286 -20.68 -11.46 -8.14
CA VAL A 286 -21.51 -10.37 -7.64
C VAL A 286 -22.98 -10.73 -7.72
N HIS A 287 -23.41 -11.28 -8.84
CA HIS A 287 -24.79 -11.77 -8.96
C HIS A 287 -25.10 -12.78 -7.86
N LEU A 288 -24.16 -13.69 -7.58
CA LEU A 288 -24.34 -14.67 -6.51
C LEU A 288 -24.49 -13.97 -5.15
N MET A 289 -23.61 -13.02 -4.84
CA MET A 289 -23.63 -12.38 -3.52
C MET A 289 -24.93 -11.60 -3.33
N LYS A 290 -25.39 -10.94 -4.39
CA LYS A 290 -26.69 -10.28 -4.31
C LYS A 290 -27.80 -11.27 -3.99
N ALA A 291 -27.79 -12.42 -4.66
CA ALA A 291 -28.80 -13.44 -4.39
C ALA A 291 -28.69 -13.95 -2.97
N VAL A 292 -27.48 -14.21 -2.50
CA VAL A 292 -27.31 -14.74 -1.14
C VAL A 292 -27.69 -13.69 -0.11
N GLN A 293 -27.25 -12.44 -0.30
CA GLN A 293 -27.51 -11.43 0.72
C GLN A 293 -28.97 -11.03 0.82
N ARG A 294 -29.76 -11.23 -0.24
CA ARG A 294 -31.20 -10.96 -0.21
C ARG A 294 -32.03 -12.19 0.11
N GLU A 295 -31.41 -13.34 0.30
CA GLU A 295 -32.19 -14.56 0.50
C GLU A 295 -33.01 -14.47 1.78
N SER A 296 -34.27 -14.89 1.70
N SER A 296 -34.27 -14.91 1.71
CA SER A 296 -35.07 -15.01 2.90
CA SER A 296 -35.09 -14.98 2.91
C SER A 296 -34.42 -16.01 3.85
C SER A 296 -34.62 -16.12 3.82
N GLY A 297 -34.79 -15.92 5.13
CA GLY A 297 -34.34 -16.87 6.11
C GLY A 297 -33.19 -16.36 6.95
N ASN A 298 -32.50 -17.30 7.59
CA ASN A 298 -31.42 -17.01 8.52
C ASN A 298 -30.08 -17.39 7.88
N ARG A 299 -29.02 -17.40 8.69
CA ARG A 299 -27.69 -17.63 8.13
C ARG A 299 -27.56 -19.05 7.59
N LYS A 300 -28.17 -20.03 8.24
CA LYS A 300 -28.12 -21.38 7.71
C LYS A 300 -28.66 -21.41 6.28
N LYS A 301 -29.82 -20.79 6.06
CA LYS A 301 -30.41 -20.78 4.75
C LYS A 301 -29.52 -20.03 3.75
N LYS A 302 -28.92 -18.93 4.19
CA LYS A 302 -28.07 -18.17 3.26
C LYS A 302 -26.84 -18.97 2.86
N ASN A 303 -26.21 -19.66 3.82
CA ASN A 303 -25.05 -20.47 3.50
C ASN A 303 -25.43 -21.60 2.55
N GLU A 304 -26.60 -22.22 2.78
CA GLU A 304 -27.05 -23.26 1.87
C GLU A 304 -27.27 -22.71 0.47
N ARG A 305 -27.81 -21.49 0.37
CA ARG A 305 -28.02 -20.90 -0.93
C ARG A 305 -26.69 -20.55 -1.61
N LEU A 306 -25.75 -20.01 -0.82
CA LEU A 306 -24.40 -19.75 -1.30
C LEU A 306 -23.78 -21.00 -1.92
N GLN A 307 -23.83 -22.11 -1.19
CA GLN A 307 -23.20 -23.34 -1.64
C GLN A 307 -23.97 -23.97 -2.79
N ALA A 308 -25.29 -23.87 -2.80
CA ALA A 308 -26.06 -24.44 -3.90
C ALA A 308 -25.77 -23.69 -5.20
N LEU A 309 -25.74 -22.36 -5.16
CA LEU A 309 -25.46 -21.60 -6.37
C LEU A 309 -24.03 -21.85 -6.87
N LEU A 310 -23.07 -21.94 -5.94
CA LEU A 310 -21.70 -22.27 -6.34
C LEU A 310 -21.64 -23.66 -6.96
N GLY A 311 -22.41 -24.60 -6.42
CA GLY A 311 -22.45 -25.94 -6.98
C GLY A 311 -23.11 -26.05 -8.34
N ASP A 312 -23.93 -25.06 -8.73
CA ASP A 312 -24.67 -25.13 -10.00
C ASP A 312 -23.84 -24.44 -11.07
N ASN A 313 -22.89 -25.21 -11.63
CA ASN A 313 -21.94 -24.61 -12.57
C ASN A 313 -22.60 -24.23 -13.89
N GLU A 314 -23.59 -25.00 -14.34
CA GLU A 314 -24.27 -24.62 -15.57
C GLU A 314 -25.04 -23.32 -15.40
N LYS A 315 -25.56 -23.07 -14.20
CA LYS A 315 -26.25 -21.81 -13.94
C LYS A 315 -25.28 -20.65 -13.74
N MET A 316 -24.25 -20.83 -12.90
CA MET A 316 -23.44 -19.73 -12.42
C MET A 316 -22.00 -19.72 -12.93
N ASN A 317 -21.48 -20.85 -13.38
CA ASN A 317 -20.10 -20.93 -13.90
C ASN A 317 -19.07 -20.38 -12.92
N LEU A 318 -19.19 -20.79 -11.65
CA LEU A 318 -18.23 -20.36 -10.64
C LEU A 318 -17.40 -21.49 -10.03
N SER A 319 -17.81 -22.75 -10.19
CA SER A 319 -17.09 -23.83 -9.55
C SER A 319 -16.24 -24.67 -10.50
N ASP A 320 -16.45 -24.53 -11.81
CA ASP A 320 -15.70 -25.34 -12.77
C ASP A 320 -15.45 -24.47 -13.98
N VAL A 321 -14.26 -23.85 -14.04
CA VAL A 321 -13.90 -22.94 -15.11
C VAL A 321 -12.53 -23.33 -15.64
N GLU A 322 -12.27 -22.95 -16.89
CA GLU A 322 -10.92 -23.00 -17.39
C GLU A 322 -10.06 -22.03 -16.61
N LEU A 323 -8.76 -22.32 -16.54
CA LEU A 323 -7.87 -21.58 -15.66
C LEU A 323 -7.96 -20.09 -15.91
N ILE A 324 -8.21 -19.34 -14.85
CA ILE A 324 -8.35 -17.88 -14.88
C ILE A 324 -7.35 -17.35 -13.87
N PRO A 325 -6.60 -16.29 -14.17
CA PRO A 325 -5.80 -15.64 -13.12
C PRO A 325 -6.72 -15.09 -12.04
N LEU A 326 -6.38 -15.35 -10.79
CA LEU A 326 -7.15 -14.78 -9.70
C LEU A 326 -6.92 -13.28 -9.67
N PRO A 327 -7.96 -12.44 -9.80
CA PRO A 327 -7.71 -10.99 -9.83
C PRO A 327 -6.87 -10.52 -8.64
N LEU A 328 -7.12 -11.12 -7.47
CA LEU A 328 -6.41 -10.74 -6.25
C LEU A 328 -4.92 -11.01 -6.34
N GLU A 329 -4.53 -12.07 -7.06
CA GLU A 329 -3.12 -12.45 -7.15
C GLU A 329 -2.97 -13.20 -8.45
N PRO A 330 -2.72 -12.49 -9.55
CA PRO A 330 -2.91 -13.10 -10.87
C PRO A 330 -1.90 -14.16 -11.20
N GLN A 331 -0.79 -14.21 -10.45
CA GLN A 331 0.13 -15.34 -10.59
C GLN A 331 -0.53 -16.64 -10.20
N VAL A 332 -1.59 -16.60 -9.41
CA VAL A 332 -2.32 -17.80 -9.03
C VAL A 332 -3.46 -18.01 -10.03
N LYS A 333 -3.43 -19.12 -10.76
CA LYS A 333 -4.48 -19.44 -11.70
C LYS A 333 -5.47 -20.39 -11.02
N ILE A 334 -6.77 -20.13 -11.21
CA ILE A 334 -7.77 -20.87 -10.45
C ILE A 334 -8.70 -21.63 -11.39
N ARG A 335 -9.21 -22.75 -10.87
CA ARG A 335 -10.12 -23.67 -11.55
C ARG A 335 -11.57 -23.47 -11.15
N GLY A 336 -11.84 -22.59 -10.17
CA GLY A 336 -13.17 -22.39 -9.65
C GLY A 336 -13.19 -22.34 -8.13
N ILE A 337 -14.35 -22.03 -7.59
CA ILE A 337 -14.57 -22.00 -6.15
C ILE A 337 -15.12 -23.34 -5.69
N ILE A 338 -14.62 -23.81 -4.56
CA ILE A 338 -15.11 -25.05 -3.95
C ILE A 338 -16.47 -24.79 -3.32
N PRO A 339 -17.56 -25.45 -3.77
CA PRO A 339 -18.89 -25.06 -3.23
C PRO A 339 -19.08 -25.37 -1.76
N GLU A 340 -18.59 -26.52 -1.28
CA GLU A 340 -18.99 -27.02 0.03
C GLU A 340 -18.32 -26.33 1.22
N THR A 341 -17.30 -25.51 1.00
CA THR A 341 -16.64 -24.83 2.11
C THR A 341 -16.91 -23.33 2.15
N ALA A 342 -17.78 -22.83 1.30
CA ALA A 342 -18.07 -21.40 1.25
C ALA A 342 -19.11 -21.04 2.31
N THR A 343 -18.86 -19.98 3.08
CA THR A 343 -19.81 -19.51 4.08
C THR A 343 -19.69 -18.01 4.23
N LEU A 344 -20.73 -17.40 4.79
CA LEU A 344 -20.74 -15.97 5.11
C LEU A 344 -20.12 -15.72 6.47
N PHE A 345 -19.32 -14.66 6.56
CA PHE A 345 -18.88 -14.21 7.87
C PHE A 345 -20.09 -13.75 8.68
N LYS A 346 -19.97 -13.79 10.00
CA LYS A 346 -21.12 -13.41 10.83
C LYS A 346 -21.43 -11.92 10.76
N SER A 347 -20.46 -11.11 10.32
CA SER A 347 -20.65 -9.67 10.17
C SER A 347 -21.96 -9.34 9.44
N ALA A 348 -22.59 -8.25 9.84
CA ALA A 348 -23.87 -7.88 9.24
C ALA A 348 -23.76 -7.49 7.77
N LEU A 349 -22.55 -7.18 7.28
CA LEU A 349 -22.36 -6.89 5.87
C LEU A 349 -22.26 -8.15 5.02
N MET A 350 -22.24 -9.32 5.64
CA MET A 350 -22.28 -10.59 4.94
C MET A 350 -21.23 -10.75 3.84
N PRO A 351 -19.94 -10.51 4.13
CA PRO A 351 -18.91 -10.94 3.19
C PRO A 351 -18.81 -12.45 3.21
N ALA A 352 -18.25 -13.01 2.15
CA ALA A 352 -18.14 -14.46 2.02
C ALA A 352 -16.69 -14.91 2.13
N GLN A 353 -16.49 -16.07 2.75
CA GLN A 353 -15.21 -16.77 2.65
C GLN A 353 -15.35 -17.83 1.57
N LEU A 354 -14.43 -17.82 0.60
CA LEU A 354 -14.48 -18.67 -0.59
C LEU A 354 -13.11 -19.29 -0.78
N PHE A 355 -13.06 -20.61 -0.98
CA PHE A 355 -11.80 -21.31 -1.24
C PHE A 355 -11.72 -21.57 -2.74
N PHE A 356 -10.71 -20.99 -3.39
CA PHE A 356 -10.43 -21.24 -4.80
C PHE A 356 -9.53 -22.45 -4.95
N LYS A 357 -9.88 -23.33 -5.90
CA LYS A 357 -8.99 -24.40 -6.34
C LYS A 357 -7.95 -23.82 -7.28
N THR A 358 -6.68 -24.04 -6.99
CA THR A 358 -5.62 -23.47 -7.80
C THR A 358 -5.11 -24.48 -8.83
N GLU A 359 -4.38 -23.93 -9.80
CA GLU A 359 -3.74 -24.72 -10.85
C GLU A 359 -2.93 -25.89 -10.28
N ASP A 360 -2.21 -25.65 -9.18
CA ASP A 360 -1.32 -26.65 -8.61
C ASP A 360 -1.95 -27.45 -7.46
N GLY A 361 -3.26 -27.64 -7.46
CA GLY A 361 -3.89 -28.49 -6.47
C GLY A 361 -4.05 -27.88 -5.10
N GLY A 362 -3.74 -26.60 -4.94
CA GLY A 362 -3.91 -25.95 -3.67
C GLY A 362 -5.28 -25.34 -3.52
N LYS A 363 -5.48 -24.73 -2.35
CA LYS A 363 -6.71 -24.00 -2.05
C LYS A 363 -6.29 -22.61 -1.63
N TYR A 364 -6.93 -21.60 -2.20
CA TYR A 364 -6.59 -20.22 -1.89
C TYR A 364 -7.83 -19.56 -1.33
N PRO A 365 -7.92 -19.40 -0.01
CA PRO A 365 -9.11 -18.76 0.57
C PRO A 365 -9.04 -17.25 0.42
N VAL A 366 -10.21 -16.66 0.13
CA VAL A 366 -10.35 -15.22 0.02
C VAL A 366 -11.56 -14.81 0.82
N ILE A 367 -11.60 -13.52 1.13
CA ILE A 367 -12.83 -12.86 1.57
C ILE A 367 -13.33 -12.12 0.36
N PHE A 368 -14.58 -12.32 0.01
CA PHE A 368 -15.18 -11.48 -1.02
C PHE A 368 -16.25 -10.63 -0.35
N LYS A 369 -16.03 -9.33 -0.37
CA LYS A 369 -16.97 -8.37 0.21
C LYS A 369 -17.87 -7.85 -0.89
N HIS A 370 -19.14 -7.71 -0.57
CA HIS A 370 -20.10 -7.13 -1.52
C HIS A 370 -21.04 -6.23 -0.74
N GLY A 371 -21.07 -4.97 -1.14
CA GLY A 371 -21.78 -3.96 -0.40
C GLY A 371 -20.89 -3.13 0.49
N ASP A 372 -19.61 -3.01 0.16
CA ASP A 372 -18.60 -2.44 1.04
C ASP A 372 -17.46 -1.89 0.19
N ASP A 373 -16.91 -0.74 0.56
CA ASP A 373 -15.85 -0.09 -0.22
C ASP A 373 -14.49 -0.52 0.32
N LEU A 374 -13.71 -1.19 -0.51
CA LEU A 374 -12.42 -1.72 -0.06
C LEU A 374 -11.25 -0.80 -0.35
N ARG A 375 -11.48 0.40 -0.90
CA ARG A 375 -10.33 1.13 -1.42
C ARG A 375 -9.38 1.61 -0.33
N GLN A 376 -9.88 1.95 0.85
CA GLN A 376 -8.96 2.35 1.91
C GLN A 376 -8.10 1.17 2.36
N ASP A 377 -8.72 0.00 2.56
CA ASP A 377 -7.93 -1.18 2.88
C ASP A 377 -6.95 -1.48 1.76
N GLN A 378 -7.39 -1.33 0.51
CA GLN A 378 -6.50 -1.64 -0.61
C GLN A 378 -5.27 -0.74 -0.57
N LEU A 379 -5.46 0.55 -0.35
CA LEU A 379 -4.31 1.46 -0.24
C LEU A 379 -3.42 1.05 0.92
N ILE A 380 -4.00 0.78 2.08
CA ILE A 380 -3.15 0.51 3.24
C ILE A 380 -2.37 -0.77 3.03
N LEU A 381 -3.01 -1.82 2.51
CA LEU A 381 -2.26 -3.05 2.26
C LEU A 381 -1.22 -2.87 1.16
N GLN A 382 -1.48 -2.01 0.18
CA GLN A 382 -0.46 -1.73 -0.85
C GLN A 382 0.73 -1.00 -0.24
N ILE A 383 0.49 -0.11 0.72
CA ILE A 383 1.59 0.60 1.35
C ILE A 383 2.35 -0.30 2.33
N ILE A 384 1.64 -1.18 3.04
CA ILE A 384 2.34 -2.14 3.90
C ILE A 384 3.18 -3.08 3.07
N SER A 385 2.65 -3.52 1.92
CA SER A 385 3.44 -4.33 1.00
C SER A 385 4.72 -3.60 0.59
N LEU A 386 4.59 -2.33 0.21
CA LEU A 386 5.77 -1.54 -0.17
C LEU A 386 6.75 -1.43 1.00
N MET A 387 6.27 -1.06 2.19
CA MET A 387 7.17 -0.96 3.34
C MET A 387 7.87 -2.27 3.61
N ASP A 388 7.15 -3.39 3.50
CA ASP A 388 7.80 -4.68 3.67
C ASP A 388 8.88 -4.90 2.61
N LYS A 389 8.59 -4.58 1.34
CA LYS A 389 9.61 -4.75 0.31
C LYS A 389 10.78 -3.80 0.52
N LEU A 390 10.55 -2.58 1.00
CA LEU A 390 11.68 -1.69 1.26
C LEU A 390 12.54 -2.21 2.40
N LEU A 391 11.91 -2.70 3.47
CA LEU A 391 12.68 -3.27 4.57
C LEU A 391 13.48 -4.47 4.11
N ARG A 392 12.88 -5.32 3.27
CA ARG A 392 13.59 -6.49 2.78
C ARG A 392 14.77 -6.09 1.90
N LYS A 393 14.60 -5.05 1.07
CA LYS A 393 15.74 -4.55 0.30
C LYS A 393 16.89 -4.13 1.21
N GLU A 394 16.59 -3.65 2.42
CA GLU A 394 17.62 -3.36 3.40
C GLU A 394 17.98 -4.59 4.23
N ASN A 395 17.61 -5.77 3.74
CA ASN A 395 17.91 -7.04 4.40
C ASN A 395 17.33 -7.11 5.80
N LEU A 396 16.13 -6.56 5.96
CA LEU A 396 15.37 -6.65 7.21
C LEU A 396 14.01 -7.27 6.90
N ASP A 397 13.88 -8.57 7.17
CA ASP A 397 12.63 -9.29 6.95
C ASP A 397 11.94 -9.42 8.31
N LEU A 398 10.92 -8.58 8.55
CA LEU A 398 10.26 -8.59 9.84
C LEU A 398 9.05 -9.50 9.88
N LYS A 399 8.97 -10.48 8.96
CA LYS A 399 7.92 -11.50 8.98
C LYS A 399 6.53 -10.88 9.01
N LEU A 400 6.32 -9.91 8.12
CA LEU A 400 5.05 -9.18 8.02
C LEU A 400 4.04 -9.97 7.19
N THR A 401 2.79 -9.51 7.20
CA THR A 401 1.70 -10.20 6.51
C THR A 401 0.94 -9.19 5.68
N PRO A 402 1.54 -8.72 4.58
CA PRO A 402 0.85 -7.79 3.68
C PRO A 402 -0.11 -8.58 2.80
N TYR A 403 -1.21 -9.02 3.39
CA TYR A 403 -2.16 -9.83 2.64
C TYR A 403 -2.74 -9.01 1.48
N LYS A 404 -3.05 -9.70 0.38
CA LYS A 404 -3.56 -9.01 -0.82
C LYS A 404 -4.95 -8.45 -0.60
N VAL A 405 -5.20 -7.27 -1.17
CA VAL A 405 -6.52 -6.63 -1.21
C VAL A 405 -6.71 -6.06 -2.62
N LEU A 406 -7.85 -6.32 -3.23
CA LEU A 406 -8.12 -5.80 -4.57
C LEU A 406 -9.60 -5.42 -4.70
N ALA A 407 -9.88 -4.13 -4.86
CA ALA A 407 -11.24 -3.71 -5.16
C ALA A 407 -11.60 -4.10 -6.59
N THR A 408 -12.76 -4.72 -6.77
CA THR A 408 -13.24 -5.03 -8.12
C THR A 408 -14.33 -4.07 -8.56
N SER A 409 -14.77 -3.21 -7.65
CA SER A 409 -15.69 -2.10 -7.88
C SER A 409 -15.53 -1.17 -6.70
N THR A 410 -16.30 -0.08 -6.70
CA THR A 410 -16.30 0.72 -5.48
C THR A 410 -17.11 0.07 -4.37
N LYS A 411 -17.81 -1.03 -4.64
CA LYS A 411 -18.64 -1.66 -3.62
C LYS A 411 -18.41 -3.17 -3.49
N HIS A 412 -17.37 -3.73 -4.10
CA HIS A 412 -17.05 -5.13 -3.85
C HIS A 412 -15.58 -5.35 -4.14
N GLY A 413 -15.06 -6.48 -3.67
CA GLY A 413 -13.65 -6.78 -3.86
C GLY A 413 -13.20 -7.94 -3.00
N PHE A 414 -11.93 -8.28 -3.18
CA PHE A 414 -11.32 -9.47 -2.60
C PHE A 414 -10.29 -9.08 -1.53
N MET A 415 -10.15 -9.93 -0.53
CA MET A 415 -9.00 -9.92 0.36
C MET A 415 -8.47 -11.34 0.49
N GLN A 416 -7.15 -11.44 0.55
CA GLN A 416 -6.52 -12.73 0.79
C GLN A 416 -6.73 -13.13 2.25
N PHE A 417 -7.28 -14.33 2.45
CA PHE A 417 -7.56 -14.83 3.79
C PHE A 417 -6.31 -15.53 4.35
N ILE A 418 -5.85 -15.08 5.51
CA ILE A 418 -4.66 -15.64 6.15
C ILE A 418 -5.09 -16.49 7.33
N GLN A 419 -4.77 -17.78 7.30
CA GLN A 419 -5.06 -18.65 8.43
C GLN A 419 -4.27 -18.20 9.65
N SER A 420 -4.97 -18.07 10.77
CA SER A 420 -4.46 -17.39 11.96
C SER A 420 -5.54 -17.43 13.03
N VAL A 421 -5.26 -16.88 14.20
CA VAL A 421 -6.23 -16.83 15.28
C VAL A 421 -6.25 -15.39 15.79
N PRO A 422 -7.43 -14.78 15.94
CA PRO A 422 -7.48 -13.44 16.54
C PRO A 422 -6.94 -13.48 17.97
N VAL A 423 -6.17 -12.46 18.35
CA VAL A 423 -5.54 -12.49 19.66
C VAL A 423 -6.59 -12.60 20.77
N ALA A 424 -7.74 -11.95 20.59
CA ALA A 424 -8.80 -12.06 21.59
C ALA A 424 -9.20 -13.52 21.81
N GLU A 425 -9.20 -14.32 20.75
CA GLU A 425 -9.53 -15.73 20.87
C GLU A 425 -8.37 -16.53 21.44
N VAL A 426 -7.13 -16.17 21.08
CA VAL A 426 -5.97 -16.76 21.75
C VAL A 426 -6.13 -16.63 23.27
N LEU A 427 -6.43 -15.42 23.74
CA LEU A 427 -6.54 -15.19 25.18
C LEU A 427 -7.68 -16.01 25.76
N ASP A 428 -8.85 -16.00 25.12
CA ASP A 428 -9.99 -16.68 25.71
C ASP A 428 -9.82 -18.18 25.73
N THR A 429 -9.07 -18.76 24.78
CA THR A 429 -8.96 -20.21 24.78
C THR A 429 -7.68 -20.73 25.41
N GLU A 430 -6.57 -19.99 25.32
CA GLU A 430 -5.32 -20.41 25.94
C GLU A 430 -4.85 -19.50 27.08
N GLY A 431 -5.49 -18.35 27.28
CA GLY A 431 -5.17 -17.49 28.39
C GLY A 431 -4.05 -16.50 28.14
N SER A 432 -3.13 -16.82 27.23
CA SER A 432 -2.07 -15.87 26.94
C SER A 432 -1.39 -16.29 25.65
N ILE A 433 -0.67 -15.33 25.06
CA ILE A 433 0.06 -15.62 23.84
C ILE A 433 1.14 -16.64 24.09
N GLN A 434 1.81 -16.57 25.24
CA GLN A 434 2.86 -17.56 25.52
C GLN A 434 2.27 -18.96 25.67
N ASN A 435 1.11 -19.09 26.33
CA ASN A 435 0.47 -20.40 26.44
C ASN A 435 0.10 -20.94 25.06
N PHE A 436 -0.39 -20.07 24.18
CA PHE A 436 -0.69 -20.46 22.81
C PHE A 436 0.56 -20.95 22.10
N PHE A 437 1.67 -20.21 22.21
CA PHE A 437 2.92 -20.65 21.59
C PHE A 437 3.43 -21.95 22.18
N ARG A 438 3.33 -22.09 23.51
CA ARG A 438 3.78 -23.32 24.15
C ARG A 438 2.93 -24.51 23.72
N LYS A 439 1.63 -24.29 23.46
CA LYS A 439 0.77 -25.37 22.98
C LYS A 439 1.15 -25.81 21.56
N TYR A 440 1.31 -24.86 20.64
CA TYR A 440 1.45 -25.23 19.24
C TYR A 440 2.89 -25.21 18.73
N ALA A 441 3.84 -24.68 19.50
CA ALA A 441 5.25 -24.67 19.09
C ALA A 441 6.15 -24.88 20.31
N PRO A 442 5.93 -25.97 21.06
CA PRO A 442 6.76 -26.20 22.26
C PRO A 442 8.21 -26.43 21.88
N SER A 443 9.11 -25.95 22.73
CA SER A 443 10.54 -26.24 22.61
C SER A 443 11.15 -26.22 24.00
N GLU A 444 11.68 -27.36 24.44
CA GLU A 444 12.19 -27.40 25.80
C GLU A 444 13.40 -26.48 25.97
N ASN A 445 14.25 -26.38 24.94
CA ASN A 445 15.44 -25.53 24.97
C ASN A 445 15.15 -24.07 24.62
N GLY A 446 13.94 -23.73 24.23
CA GLY A 446 13.67 -22.41 23.68
C GLY A 446 13.19 -21.41 24.71
N PRO A 447 13.11 -20.13 24.32
CA PRO A 447 12.73 -19.08 25.28
C PRO A 447 11.34 -19.33 25.85
N ASN A 448 11.26 -19.46 27.17
CA ASN A 448 10.00 -19.73 27.87
C ASN A 448 9.35 -21.03 27.39
N GLY A 449 10.16 -21.98 26.94
CA GLY A 449 9.61 -23.23 26.44
C GLY A 449 8.96 -23.15 25.08
N ILE A 450 9.25 -22.10 24.32
CA ILE A 450 8.68 -21.87 22.99
C ILE A 450 9.79 -21.97 21.95
N SER A 451 9.44 -22.48 20.77
CA SER A 451 10.43 -22.57 19.69
C SER A 451 11.12 -21.21 19.47
N ALA A 452 12.45 -21.24 19.34
CA ALA A 452 13.18 -19.99 19.13
C ALA A 452 12.77 -19.33 17.81
N GLU A 453 12.48 -20.13 16.79
CA GLU A 453 12.05 -19.55 15.52
C GLU A 453 10.70 -18.86 15.67
N VAL A 454 9.78 -19.43 16.44
CA VAL A 454 8.47 -18.79 16.58
C VAL A 454 8.61 -17.48 17.37
N MET A 455 9.38 -17.51 18.46
CA MET A 455 9.56 -16.31 19.24
C MET A 455 10.25 -15.22 18.43
N ASP A 456 11.26 -15.60 17.64
CA ASP A 456 11.95 -14.63 16.78
C ASP A 456 10.98 -13.98 15.81
N THR A 457 10.11 -14.80 15.19
CA THR A 457 9.13 -14.30 14.24
C THR A 457 8.15 -13.36 14.93
N TYR A 458 7.76 -13.69 16.15
CA TYR A 458 6.82 -12.85 16.90
C TYR A 458 7.43 -11.51 17.24
N VAL A 459 8.66 -11.53 17.77
CA VAL A 459 9.31 -10.27 18.12
C VAL A 459 9.44 -9.38 16.89
N LYS A 460 9.86 -9.98 15.76
CA LYS A 460 10.06 -9.21 14.54
C LYS A 460 8.75 -8.66 14.00
N SER A 461 7.69 -9.49 13.92
CA SER A 461 6.46 -8.96 13.35
C SER A 461 5.83 -7.95 14.30
N CYS A 462 5.98 -8.15 15.60
N CYS A 462 6.00 -8.16 15.60
CA CYS A 462 5.50 -7.16 16.57
CA CYS A 462 5.53 -7.18 16.58
C CYS A 462 6.17 -5.80 16.31
C CYS A 462 6.17 -5.82 16.33
N ALA A 463 7.50 -5.79 16.15
CA ALA A 463 8.19 -4.53 15.94
C ALA A 463 7.77 -3.91 14.61
N GLY A 464 7.72 -4.71 13.56
CA GLY A 464 7.34 -4.17 12.25
C GLY A 464 5.97 -3.52 12.27
N TYR A 465 4.99 -4.21 12.86
CA TYR A 465 3.65 -3.64 12.88
C TYR A 465 3.54 -2.45 13.83
N CYS A 466 4.32 -2.48 14.92
N CYS A 466 4.27 -2.47 14.94
CA CYS A 466 4.35 -1.35 15.83
CA CYS A 466 4.26 -1.28 15.78
C CYS A 466 4.83 -0.08 15.13
C CYS A 466 4.71 -0.08 14.97
N VAL A 467 5.81 -0.22 14.23
CA VAL A 467 6.35 0.95 13.54
C VAL A 467 5.43 1.36 12.40
N ILE A 468 4.94 0.38 11.64
CA ILE A 468 4.12 0.66 10.47
C ILE A 468 2.77 1.21 10.88
N THR A 469 2.12 0.64 11.90
CA THR A 469 0.82 1.20 12.29
C THR A 469 0.98 2.56 12.93
N TYR A 470 2.13 2.81 13.57
CA TYR A 470 2.43 4.15 14.05
C TYR A 470 2.53 5.14 12.88
N ILE A 471 3.30 4.82 11.85
CA ILE A 471 3.46 5.74 10.72
C ILE A 471 2.13 6.00 10.03
N LEU A 472 1.33 4.95 9.85
CA LEU A 472 0.06 5.10 9.13
C LEU A 472 -1.08 5.57 10.02
N GLY A 473 -0.82 5.84 11.29
CA GLY A 473 -1.86 6.35 12.17
C GLY A 473 -3.08 5.46 12.28
N VAL A 474 -2.88 4.14 12.24
CA VAL A 474 -3.98 3.18 12.29
C VAL A 474 -4.66 3.24 13.65
N GLY A 475 -5.99 3.40 13.64
CA GLY A 475 -6.78 3.39 14.86
C GLY A 475 -7.69 2.18 14.96
N ASP A 476 -8.59 2.24 15.93
CA ASP A 476 -9.55 1.16 16.15
C ASP A 476 -8.83 -0.18 16.35
N ARG A 477 -7.74 -0.16 17.13
CA ARG A 477 -6.98 -1.36 17.40
C ARG A 477 -7.59 -2.03 18.62
N HIS A 478 -8.23 -3.18 18.42
CA HIS A 478 -8.68 -4.03 19.51
C HIS A 478 -8.24 -5.45 19.21
N LEU A 479 -8.46 -6.37 20.14
CA LEU A 479 -7.83 -7.67 20.03
C LEU A 479 -8.50 -8.57 19.00
N ASP A 480 -9.55 -8.11 18.34
CA ASP A 480 -10.10 -8.88 17.23
C ASP A 480 -9.61 -8.41 15.88
N ASN A 481 -8.86 -7.30 15.81
N ASN A 481 -8.87 -7.31 15.79
CA ASN A 481 -8.19 -6.87 14.60
CA ASN A 481 -8.20 -6.98 14.54
C ASN A 481 -6.72 -7.22 14.59
C ASN A 481 -6.69 -7.09 14.68
N LEU A 482 -6.24 -7.89 15.64
CA LEU A 482 -4.86 -8.33 15.76
C LEU A 482 -4.87 -9.85 15.64
N LEU A 483 -4.20 -10.38 14.64
CA LEU A 483 -4.23 -11.81 14.36
C LEU A 483 -2.85 -12.43 14.56
N LEU A 484 -2.84 -13.72 14.89
CA LEU A 484 -1.61 -14.40 15.25
C LEU A 484 -1.60 -15.77 14.60
N THR A 485 -0.49 -16.11 13.93
CA THR A 485 -0.31 -17.46 13.43
C THR A 485 0.42 -18.32 14.45
N LYS A 486 0.29 -19.63 14.27
CA LYS A 486 1.01 -20.59 15.10
C LYS A 486 2.49 -20.61 14.79
N THR A 487 2.93 -19.97 13.70
CA THR A 487 4.34 -19.80 13.43
C THR A 487 4.88 -18.51 14.05
N GLY A 488 4.06 -17.74 14.74
CA GLY A 488 4.53 -16.58 15.46
C GLY A 488 4.26 -15.24 14.80
N LYS A 489 3.64 -15.21 13.63
CA LYS A 489 3.40 -13.95 12.92
C LYS A 489 2.21 -13.23 13.52
N LEU A 490 2.46 -12.03 14.02
CA LEU A 490 1.42 -11.13 14.47
C LEU A 490 1.14 -10.17 13.33
N PHE A 491 -0.13 -9.88 13.08
CA PHE A 491 -0.43 -8.89 12.05
C PHE A 491 -1.77 -8.23 12.33
N HIS A 492 -2.00 -7.12 11.62
CA HIS A 492 -3.18 -6.29 11.78
C HIS A 492 -4.11 -6.45 10.59
N ILE A 493 -5.42 -6.38 10.85
CA ILE A 493 -6.42 -6.37 9.81
C ILE A 493 -7.34 -5.16 10.02
N ASP A 494 -8.15 -4.89 9.00
CA ASP A 494 -9.28 -3.97 9.07
C ASP A 494 -8.85 -2.53 9.30
N PHE A 495 -8.54 -1.84 8.22
CA PHE A 495 -7.96 -0.50 8.30
C PHE A 495 -8.98 0.59 7.99
N GLY A 496 -10.11 0.53 8.69
CA GLY A 496 -11.16 1.53 8.53
C GLY A 496 -10.83 2.87 9.16
N TYR A 497 -9.83 2.92 10.05
CA TYR A 497 -9.43 4.14 10.74
C TYR A 497 -7.94 4.34 10.54
N ILE A 498 -7.56 5.36 9.78
CA ILE A 498 -6.14 5.60 9.51
C ILE A 498 -5.84 7.08 9.69
N LEU A 499 -4.55 7.40 9.66
CA LEU A 499 -4.09 8.78 9.70
C LEU A 499 -4.58 9.52 10.94
N GLY A 500 -4.68 8.82 12.05
CA GLY A 500 -5.00 9.43 13.32
C GLY A 500 -6.45 9.39 13.70
N ARG A 501 -7.35 8.95 12.82
CA ARG A 501 -8.73 8.80 13.20
C ARG A 501 -8.89 7.60 14.11
N ASP A 502 -9.82 7.70 15.06
CA ASP A 502 -10.07 6.63 16.00
C ASP A 502 -11.51 6.74 16.44
N PRO A 503 -12.20 5.62 16.69
CA PRO A 503 -13.58 5.70 17.21
C PRO A 503 -13.65 6.20 18.65
N LYS A 504 -12.53 6.30 19.36
CA LYS A 504 -12.48 6.87 20.69
C LYS A 504 -11.57 8.10 20.71
N PRO A 505 -11.81 9.03 21.62
CA PRO A 505 -10.95 10.22 21.69
C PRO A 505 -9.61 9.91 22.34
N LEU A 506 -8.63 10.75 22.03
CA LEU A 506 -7.28 10.60 22.54
C LEU A 506 -6.70 9.20 22.27
N PRO A 507 -6.65 8.77 21.01
CA PRO A 507 -5.92 7.54 20.71
C PRO A 507 -4.44 7.76 20.91
N PRO A 508 -3.74 6.81 21.53
CA PRO A 508 -2.30 6.97 21.72
C PRO A 508 -1.58 6.81 20.39
N PRO A 509 -0.48 7.55 20.19
CA PRO A 509 0.24 7.45 18.91
C PRO A 509 0.78 6.06 18.62
N MET A 510 1.06 5.29 19.67
CA MET A 510 1.70 3.99 19.55
C MET A 510 0.72 2.90 20.00
N LYS A 511 0.51 1.91 19.16
CA LYS A 511 -0.57 0.92 19.33
C LYS A 511 0.01 -0.36 19.89
N LEU A 512 0.26 -0.35 21.20
CA LEU A 512 0.77 -1.49 21.94
C LEU A 512 -0.28 -1.95 22.95
N ASN A 513 -0.16 -3.19 23.39
CA ASN A 513 -1.03 -3.64 24.47
C ASN A 513 -0.27 -4.63 25.34
N LYS A 514 -0.75 -4.75 26.57
CA LYS A 514 -0.10 -5.60 27.56
C LYS A 514 0.12 -7.00 27.02
N GLU A 515 -0.86 -7.51 26.27
CA GLU A 515 -0.81 -8.90 25.82
C GLU A 515 0.40 -9.14 24.92
N MET A 516 0.65 -8.22 24.00
CA MET A 516 1.83 -8.31 23.13
C MET A 516 3.09 -8.37 23.95
N VAL A 517 3.19 -7.48 24.95
CA VAL A 517 4.40 -7.39 25.76
C VAL A 517 4.59 -8.64 26.59
N GLU A 518 3.52 -9.11 27.24
CA GLU A 518 3.59 -10.38 27.96
C GLU A 518 3.92 -11.52 27.01
N GLY A 519 3.48 -11.43 25.76
CA GLY A 519 3.84 -12.45 24.78
C GLY A 519 5.34 -12.57 24.55
N MET A 520 6.08 -11.47 24.66
CA MET A 520 7.53 -11.55 24.50
C MET A 520 8.25 -11.68 25.84
N GLY A 521 7.56 -12.08 26.90
CA GLY A 521 8.21 -12.37 28.16
C GLY A 521 8.36 -11.18 29.09
N GLY A 522 7.65 -10.07 28.83
CA GLY A 522 7.72 -8.92 29.71
C GLY A 522 8.85 -7.95 29.34
N THR A 523 8.86 -6.83 30.04
CA THR A 523 9.76 -5.74 29.68
C THR A 523 11.22 -5.99 30.05
N GLN A 524 11.53 -6.99 30.87
CA GLN A 524 12.91 -7.23 31.27
C GLN A 524 13.54 -8.37 30.49
N SER A 525 12.82 -8.94 29.52
CA SER A 525 13.28 -10.11 28.79
C SER A 525 14.26 -9.72 27.69
N GLU A 526 15.02 -10.71 27.21
CA GLU A 526 15.87 -10.52 26.03
C GLU A 526 15.04 -10.20 24.80
N GLN A 527 13.89 -10.86 24.65
CA GLN A 527 13.04 -10.62 23.48
C GLN A 527 12.58 -9.18 23.42
N TYR A 528 12.29 -8.57 24.58
CA TYR A 528 11.85 -7.18 24.58
C TYR A 528 12.97 -6.25 24.15
N GLN A 529 14.21 -6.52 24.58
CA GLN A 529 15.36 -5.76 24.08
C GLN A 529 15.46 -5.84 22.56
N GLU A 530 15.28 -7.05 22.02
CA GLU A 530 15.32 -7.22 20.56
C GLU A 530 14.14 -6.53 19.88
N PHE A 531 12.94 -6.62 20.46
CA PHE A 531 11.80 -5.86 19.97
C PHE A 531 12.14 -4.36 19.82
N ARG A 532 12.68 -3.75 20.88
CA ARG A 532 12.99 -2.32 20.82
C ARG A 532 14.00 -2.03 19.72
N LYS A 533 15.04 -2.85 19.62
CA LYS A 533 16.04 -2.66 18.57
C LYS A 533 15.43 -2.78 17.18
N GLN A 534 14.54 -3.77 16.98
CA GLN A 534 13.91 -3.90 15.67
C GLN A 534 13.02 -2.71 15.37
N CYS A 535 12.39 -2.13 16.39
CA CYS A 535 11.53 -0.96 16.19
C CYS A 535 12.33 0.22 15.67
N TYR A 536 13.42 0.59 16.35
CA TYR A 536 14.09 1.78 15.87
C TYR A 536 14.86 1.49 14.58
N THR A 537 15.27 0.24 14.37
CA THR A 537 15.94 -0.08 13.12
C THR A 537 14.97 0.00 11.94
N ALA A 538 13.78 -0.56 12.06
CA ALA A 538 12.81 -0.43 10.98
C ALA A 538 12.45 1.04 10.77
N PHE A 539 12.39 1.81 11.86
CA PHE A 539 12.05 3.23 11.75
C PHE A 539 13.10 3.98 10.93
N LEU A 540 14.38 3.76 11.22
CA LEU A 540 15.44 4.39 10.44
C LEU A 540 15.39 3.98 8.97
N HIS A 541 15.14 2.70 8.69
CA HIS A 541 15.04 2.26 7.30
C HIS A 541 13.90 2.97 6.58
N LEU A 542 12.73 3.06 7.21
CA LEU A 542 11.60 3.63 6.49
C LEU A 542 11.76 5.15 6.34
N ARG A 543 12.40 5.80 7.31
CA ARG A 543 12.75 7.21 7.14
C ARG A 543 13.60 7.43 5.89
N ARG A 544 14.57 6.53 5.63
CA ARG A 544 15.43 6.66 4.46
C ARG A 544 14.65 6.60 3.15
N TYR A 545 13.48 5.99 3.15
CA TYR A 545 12.59 5.94 1.99
C TYR A 545 11.45 6.92 2.11
N SER A 546 11.57 7.92 2.98
CA SER A 546 10.46 8.86 3.18
C SER A 546 10.13 9.65 1.92
N ASN A 547 11.14 9.98 1.09
CA ASN A 547 10.83 10.67 -0.17
C ASN A 547 9.88 9.85 -1.02
N LEU A 548 10.19 8.56 -1.21
CA LEU A 548 9.33 7.71 -2.02
C LEU A 548 7.95 7.57 -1.39
N ILE A 549 7.90 7.34 -0.08
CA ILE A 549 6.62 7.11 0.56
C ILE A 549 5.77 8.36 0.49
N LEU A 550 6.38 9.53 0.67
CA LEU A 550 5.60 10.76 0.64
C LEU A 550 5.15 11.09 -0.77
N ASN A 551 5.99 10.80 -1.76
CA ASN A 551 5.59 11.05 -3.15
C ASN A 551 4.40 10.17 -3.52
N LEU A 552 4.38 8.93 -3.02
CA LEU A 552 3.24 8.06 -3.32
C LEU A 552 1.98 8.56 -2.63
N PHE A 553 2.08 9.01 -1.38
CA PHE A 553 0.88 9.57 -0.73
C PHE A 553 0.42 10.84 -1.42
N SER A 554 1.35 11.65 -1.95
CA SER A 554 0.93 12.87 -2.63
C SER A 554 0.07 12.55 -3.85
N LEU A 555 0.30 11.40 -4.48
CA LEU A 555 -0.50 11.00 -5.62
C LEU A 555 -1.87 10.48 -5.23
N MET A 556 -2.13 10.24 -3.95
CA MET A 556 -3.41 9.72 -3.50
C MET A 556 -4.37 10.80 -3.01
N VAL A 557 -3.96 12.07 -3.00
CA VAL A 557 -4.76 13.07 -2.29
C VAL A 557 -6.11 13.33 -2.95
N ASP A 558 -6.27 13.01 -4.22
CA ASP A 558 -7.55 13.18 -4.88
C ASP A 558 -8.31 11.88 -5.00
N ALA A 559 -7.83 10.82 -4.35
CA ALA A 559 -8.56 9.58 -4.40
C ALA A 559 -9.74 9.66 -3.44
N ASN A 560 -10.80 8.95 -3.78
N ASN A 560 -10.76 8.88 -3.77
CA ASN A 560 -11.98 8.97 -2.92
CA ASN A 560 -12.02 8.79 -3.05
C ASN A 560 -11.87 7.88 -1.85
C ASN A 560 -11.93 7.92 -1.79
N ILE A 561 -10.86 8.07 -1.01
CA ILE A 561 -10.59 7.20 0.12
C ILE A 561 -11.01 7.95 1.39
N PRO A 562 -11.90 7.39 2.21
CA PRO A 562 -12.57 8.21 3.23
C PRO A 562 -11.65 9.03 4.11
N ASP A 563 -10.60 8.42 4.66
CA ASP A 563 -9.80 9.17 5.63
C ASP A 563 -8.84 10.15 4.95
N ILE A 564 -8.63 10.03 3.65
CA ILE A 564 -7.91 11.07 2.92
C ILE A 564 -8.86 12.18 2.48
N ALA A 565 -10.02 11.79 1.92
CA ALA A 565 -10.99 12.78 1.45
C ALA A 565 -11.42 13.72 2.58
N LEU A 566 -11.33 13.28 3.83
CA LEU A 566 -11.74 14.15 4.94
C LEU A 566 -10.91 15.43 4.98
N GLU A 567 -9.60 15.33 4.78
CA GLU A 567 -8.72 16.50 4.75
C GLU A 567 -7.61 16.27 3.74
N PRO A 568 -7.91 16.39 2.45
CA PRO A 568 -6.89 16.03 1.45
C PRO A 568 -5.62 16.85 1.56
N ASP A 569 -5.77 18.13 1.86
CA ASP A 569 -4.64 19.06 1.95
C ASP A 569 -3.76 18.78 3.16
N LYS A 570 -4.24 18.04 4.15
CA LYS A 570 -3.43 17.74 5.33
C LYS A 570 -2.97 16.29 5.36
N THR A 571 -3.34 15.48 4.37
CA THR A 571 -3.09 14.06 4.46
C THR A 571 -1.61 13.74 4.47
N VAL A 572 -0.84 14.31 3.54
CA VAL A 572 0.56 13.91 3.41
C VAL A 572 1.33 14.31 4.66
N LYS A 573 0.99 15.48 5.24
CA LYS A 573 1.68 15.94 6.44
C LYS A 573 1.41 15.02 7.63
N LYS A 574 0.21 14.43 7.68
CA LYS A 574 -0.08 13.47 8.75
C LYS A 574 0.89 12.31 8.72
N VAL A 575 1.31 11.88 7.53
CA VAL A 575 2.29 10.81 7.40
C VAL A 575 3.69 11.34 7.64
N GLN A 576 4.05 12.44 6.99
CA GLN A 576 5.38 13.01 7.13
C GLN A 576 5.73 13.28 8.58
N ASP A 577 4.80 13.85 9.35
CA ASP A 577 5.12 14.16 10.75
C ASP A 577 5.61 12.94 11.52
N LYS A 578 5.09 11.74 11.18
CA LYS A 578 5.45 10.53 11.92
C LYS A 578 6.90 10.15 11.71
N PHE A 579 7.46 10.46 10.54
CA PHE A 579 8.86 10.17 10.27
C PHE A 579 9.81 11.02 11.10
N ARG A 580 9.32 12.10 11.71
CA ARG A 580 10.15 13.07 12.43
C ARG A 580 11.44 13.37 11.67
N LEU A 581 11.26 13.86 10.44
CA LEU A 581 12.40 14.23 9.60
C LEU A 581 13.16 15.44 10.14
N ASP A 582 12.58 16.17 11.09
CA ASP A 582 13.31 17.23 11.78
C ASP A 582 14.40 16.68 12.69
N LEU A 583 14.43 15.37 12.93
CA LEU A 583 15.37 14.74 13.84
C LEU A 583 16.46 14.01 13.05
N SER A 584 17.70 14.09 13.55
CA SER A 584 18.75 13.26 13.00
C SER A 584 18.44 11.79 13.25
N ASP A 585 19.21 10.91 12.59
CA ASP A 585 19.04 9.48 12.82
C ASP A 585 19.21 9.15 14.31
N GLU A 586 20.27 9.68 14.93
CA GLU A 586 20.50 9.40 16.34
C GLU A 586 19.33 9.87 17.19
N GLU A 587 18.85 11.09 16.93
CA GLU A 587 17.71 11.59 17.70
C GLU A 587 16.48 10.74 17.44
N ALA A 588 16.29 10.31 16.19
CA ALA A 588 15.12 9.52 15.85
C ALA A 588 15.11 8.20 16.61
N VAL A 589 16.28 7.61 16.84
CA VAL A 589 16.35 6.38 17.60
C VAL A 589 15.84 6.61 19.01
N HIS A 590 16.28 7.70 19.66
CA HIS A 590 15.79 7.96 21.01
C HIS A 590 14.33 8.35 21.01
N TYR A 591 13.88 9.07 19.98
CA TYR A 591 12.46 9.36 19.91
C TYR A 591 11.64 8.09 19.87
N MET A 592 12.03 7.12 19.03
CA MET A 592 11.26 5.89 18.92
C MET A 592 11.30 5.12 20.23
N GLN A 593 12.42 5.15 20.93
CA GLN A 593 12.49 4.43 22.19
C GLN A 593 11.66 5.12 23.27
N SER A 594 11.61 6.45 23.27
CA SER A 594 10.71 7.12 24.20
C SER A 594 9.26 6.80 23.87
N LEU A 595 8.92 6.74 22.58
CA LEU A 595 7.58 6.34 22.19
C LEU A 595 7.20 5.00 22.80
N ILE A 596 8.03 3.98 22.57
CA ILE A 596 7.75 2.65 23.10
C ILE A 596 7.72 2.68 24.63
N ASP A 597 8.70 3.34 25.25
CA ASP A 597 8.78 3.37 26.71
C ASP A 597 7.53 4.00 27.33
N GLU A 598 7.14 5.17 26.82
CA GLU A 598 5.94 5.83 27.33
C GLU A 598 4.70 4.96 27.11
N SER A 599 4.60 4.32 25.96
CA SER A 599 3.44 3.48 25.67
C SER A 599 3.34 2.33 26.64
N VAL A 600 4.46 1.65 26.89
CA VAL A 600 4.44 0.46 27.74
C VAL A 600 4.23 0.85 29.19
N HIS A 601 4.82 1.96 29.62
CA HIS A 601 4.59 2.42 30.99
C HIS A 601 3.11 2.69 31.23
N ALA A 602 2.45 3.33 30.28
CA ALA A 602 1.02 3.59 30.40
C ALA A 602 0.22 2.29 30.50
N LEU A 603 0.66 1.24 29.80
CA LEU A 603 -0.07 -0.03 29.83
C LEU A 603 -0.11 -0.61 31.24
N PHE A 604 0.99 -0.49 31.97
CA PHE A 604 1.12 -1.11 33.28
C PHE A 604 0.84 -0.15 34.42
N ALA A 605 0.47 1.10 34.14
CA ALA A 605 0.16 2.06 35.19
C ALA A 605 -1.34 2.22 35.34
#